data_6DUV
#
_entry.id   6DUV
#
_cell.length_a   74.580
_cell.length_b   74.580
_cell.length_c   111.470
_cell.angle_alpha   90.000
_cell.angle_beta   90.000
_cell.angle_gamma   120.000
#
_symmetry.space_group_name_H-M   'P 31 2 1'
#
loop_
_entity.id
_entity.type
_entity.pdbx_description
1 polymer 'Bromodomain-containing protein 4'
2 non-polymer 'methyl [(6S)-4-(4-chlorophenyl)-2,3,9-trimethyl-6H-thieno[3,2-f][1,2,4]triazolo[4,3-a][1,4]diazepin-6-yl]acetate'
3 non-polymer 1,2-ETHANEDIOL
4 water water
#
_entity_poly.entity_id   1
_entity_poly.type   'polypeptide(L)'
_entity_poly.pdbx_seq_one_letter_code
;SSKVSEQLKCCSGILKEMFAKKHAAYAWPFYKPVDVEALGLHDYCDIIKHPMDMSTIKSKLEAREYRDAQEFGADVRLMF
SNCYKYNPPDHEVVAMARKLQDVFEMRFAKMP
;
_entity_poly.pdbx_strand_id   A,B
#
# COMPACT_ATOMS: atom_id res chain seq x y z
N LYS A 3 -17.11 -2.98 16.98
CA LYS A 3 -16.01 -2.19 16.47
C LYS A 3 -15.15 -3.00 15.50
N VAL A 4 -14.58 -4.11 15.99
CA VAL A 4 -13.86 -5.01 15.09
C VAL A 4 -14.81 -5.68 14.12
N SER A 5 -16.02 -6.02 14.58
CA SER A 5 -16.98 -6.66 13.70
C SER A 5 -17.41 -5.72 12.57
N GLU A 6 -17.62 -4.45 12.87
CA GLU A 6 -17.98 -3.53 11.80
C GLU A 6 -16.79 -3.26 10.89
N GLN A 7 -15.57 -3.27 11.46
CA GLN A 7 -14.38 -3.15 10.63
C GLN A 7 -14.28 -4.30 9.64
N LEU A 8 -14.49 -5.53 10.12
CA LEU A 8 -14.38 -6.70 9.25
C LEU A 8 -15.54 -6.78 8.28
N LYS A 9 -16.72 -6.30 8.68
CA LYS A 9 -17.81 -6.17 7.71
C LYS A 9 -17.41 -5.21 6.59
N CYS A 10 -16.77 -4.10 6.93
CA CYS A 10 -16.31 -3.19 5.88
CA CYS A 10 -16.30 -3.18 5.89
C CYS A 10 -15.24 -3.85 5.03
N CYS A 11 -14.34 -4.63 5.65
CA CYS A 11 -13.34 -5.35 4.88
C CYS A 11 -14.00 -6.31 3.88
N SER A 12 -15.05 -7.02 4.29
CA SER A 12 -15.76 -7.87 3.34
C SER A 12 -16.33 -7.06 2.20
N GLY A 13 -16.86 -5.87 2.49
CA GLY A 13 -17.38 -5.01 1.44
C GLY A 13 -16.30 -4.56 0.47
N ILE A 14 -15.10 -4.27 0.99
CA ILE A 14 -13.99 -3.85 0.11
C ILE A 14 -13.59 -4.99 -0.81
N LEU A 15 -13.45 -6.21 -0.27
CA LEU A 15 -13.09 -7.35 -1.10
C LEU A 15 -14.17 -7.65 -2.13
N LYS A 16 -15.45 -7.52 -1.74
CA LYS A 16 -16.54 -7.69 -2.69
C LYS A 16 -16.44 -6.70 -3.84
N GLU A 17 -16.13 -5.44 -3.54
CA GLU A 17 -15.92 -4.46 -4.61
C GLU A 17 -14.74 -4.86 -5.49
N MET A 18 -13.67 -5.38 -4.88
CA MET A 18 -12.52 -5.79 -5.68
C MET A 18 -12.88 -6.94 -6.62
N PHE A 19 -13.88 -7.76 -6.27
CA PHE A 19 -14.38 -8.83 -7.12
C PHE A 19 -15.42 -8.35 -8.13
N ALA A 20 -15.83 -7.08 -8.09
CA ALA A 20 -16.93 -6.59 -8.91
C ALA A 20 -16.55 -6.48 -10.38
N LYS A 21 -17.55 -6.58 -11.26
CA LYS A 21 -17.27 -6.55 -12.70
C LYS A 21 -16.63 -5.25 -13.13
N LYS A 22 -16.93 -4.14 -12.45
CA LYS A 22 -16.36 -2.87 -12.85
C LYS A 22 -14.83 -2.86 -12.77
N HIS A 23 -14.24 -3.72 -11.94
CA HIS A 23 -12.78 -3.80 -11.81
C HIS A 23 -12.18 -5.03 -12.47
N ALA A 24 -13.00 -5.85 -13.13
CA ALA A 24 -12.56 -7.17 -13.58
C ALA A 24 -11.45 -7.08 -14.61
N ALA A 25 -11.39 -6.00 -15.38
CA ALA A 25 -10.39 -5.94 -16.46
C ALA A 25 -8.97 -5.94 -15.91
N TYR A 26 -8.77 -5.48 -14.67
CA TYR A 26 -7.46 -5.56 -14.04
C TYR A 26 -7.43 -6.44 -12.80
N ALA A 27 -8.58 -6.79 -12.20
CA ALA A 27 -8.53 -7.59 -10.98
C ALA A 27 -8.37 -9.08 -11.25
N TRP A 28 -8.74 -9.57 -12.45
CA TRP A 28 -8.88 -11.02 -12.62
C TRP A 28 -7.62 -11.85 -12.31
N PRO A 29 -6.38 -11.40 -12.55
CA PRO A 29 -5.24 -12.28 -12.19
C PRO A 29 -5.18 -12.59 -10.71
N PHE A 30 -5.79 -11.75 -9.86
CA PHE A 30 -5.66 -11.86 -8.41
C PHE A 30 -6.82 -12.63 -7.79
N TYR A 31 -7.76 -13.14 -8.61
CA TYR A 31 -8.93 -13.83 -8.08
C TYR A 31 -8.57 -15.11 -7.32
N LYS A 32 -7.61 -15.87 -7.80
CA LYS A 32 -7.28 -17.20 -7.31
C LYS A 32 -5.79 -17.33 -7.07
N PRO A 33 -5.36 -18.34 -6.30
CA PRO A 33 -3.92 -18.52 -6.08
C PRO A 33 -3.16 -18.69 -7.40
N VAL A 34 -1.95 -18.14 -7.44
CA VAL A 34 -1.07 -18.32 -8.60
C VAL A 34 -0.85 -19.82 -8.83
N ASP A 35 -1.15 -20.29 -10.03
CA ASP A 35 -0.94 -21.69 -10.41
C ASP A 35 0.44 -21.80 -11.03
N VAL A 36 1.44 -22.15 -10.21
CA VAL A 36 2.83 -22.11 -10.71
C VAL A 36 3.05 -23.15 -11.80
N GLU A 37 2.30 -24.24 -11.78
CA GLU A 37 2.46 -25.25 -12.83
C GLU A 37 1.86 -24.78 -14.15
N ALA A 38 0.63 -24.26 -14.12
CA ALA A 38 0.00 -23.79 -15.35
C ALA A 38 0.74 -22.59 -15.94
N LEU A 39 1.25 -21.70 -15.09
CA LEU A 39 1.95 -20.53 -15.59
C LEU A 39 3.44 -20.77 -15.82
N GLY A 40 3.95 -21.97 -15.51
CA GLY A 40 5.34 -22.28 -15.79
C GLY A 40 6.33 -21.49 -14.95
N LEU A 41 5.96 -21.10 -13.74
CA LEU A 41 6.80 -20.25 -12.89
C LEU A 41 7.62 -21.14 -11.96
N HIS A 42 8.70 -21.69 -12.51
CA HIS A 42 9.45 -22.74 -11.79
C HIS A 42 10.08 -22.22 -10.50
N ASP A 43 10.39 -20.93 -10.42
CA ASP A 43 11.03 -20.34 -9.26
C ASP A 43 10.09 -19.52 -8.38
N TYR A 44 8.78 -19.53 -8.68
CA TYR A 44 7.86 -18.66 -7.94
C TYR A 44 7.89 -18.96 -6.45
N CYS A 45 7.84 -20.25 -6.08
CA CYS A 45 7.76 -20.60 -4.67
C CYS A 45 9.06 -20.32 -3.93
N ASP A 46 10.18 -20.23 -4.65
CA ASP A 46 11.44 -19.89 -4.02
C ASP A 46 11.55 -18.38 -3.78
N ILE A 47 10.95 -17.58 -4.65
CA ILE A 47 10.99 -16.14 -4.52
C ILE A 47 9.88 -15.61 -3.61
N ILE A 48 8.70 -16.21 -3.68
CA ILE A 48 7.52 -15.75 -2.96
C ILE A 48 7.27 -16.74 -1.83
N LYS A 49 7.66 -16.36 -0.60
CA LYS A 49 7.53 -17.25 0.54
C LYS A 49 6.08 -17.40 1.01
N HIS A 50 5.26 -16.36 0.83
CA HIS A 50 3.90 -16.35 1.36
C HIS A 50 2.93 -15.89 0.27
N PRO A 51 2.53 -16.81 -0.61
CA PRO A 51 1.58 -16.45 -1.67
C PRO A 51 0.26 -15.97 -1.10
N MET A 52 -0.43 -15.13 -1.86
CA MET A 52 -1.72 -14.61 -1.40
C MET A 52 -2.56 -14.24 -2.61
N ASP A 53 -3.88 -14.34 -2.47
CA ASP A 53 -4.83 -14.07 -3.55
C ASP A 53 -6.17 -13.73 -2.93
N MET A 54 -7.08 -13.20 -3.76
CA MET A 54 -8.36 -12.71 -3.22
C MET A 54 -9.28 -13.82 -2.72
N SER A 55 -9.24 -15.01 -3.32
CA SER A 55 -10.08 -16.12 -2.86
C SER A 55 -9.64 -16.62 -1.49
N THR A 56 -8.32 -16.65 -1.28
CA THR A 56 -7.79 -16.99 0.05
C THR A 56 -8.21 -15.96 1.08
N ILE A 57 -8.13 -14.67 0.74
CA ILE A 57 -8.56 -13.62 1.66
C ILE A 57 -10.04 -13.77 1.97
N LYS A 58 -10.86 -14.09 0.96
CA LYS A 58 -12.28 -14.31 1.19
C LYS A 58 -12.52 -15.47 2.16
N SER A 59 -11.83 -16.60 1.96
CA SER A 59 -11.94 -17.73 2.87
C SER A 59 -11.52 -17.36 4.29
N LYS A 60 -10.42 -16.62 4.41
CA LYS A 60 -9.96 -16.24 5.75
C LYS A 60 -10.95 -15.32 6.44
N LEU A 61 -11.59 -14.40 5.70
CA LEU A 61 -12.66 -13.59 6.29
C LEU A 61 -13.80 -14.46 6.78
N GLU A 62 -14.21 -15.44 5.97
CA GLU A 62 -15.34 -16.29 6.36
C GLU A 62 -15.00 -17.15 7.57
N ALA A 63 -13.74 -17.55 7.71
CA ALA A 63 -13.27 -18.31 8.86
C ALA A 63 -12.82 -17.42 10.02
N ARG A 64 -13.11 -16.12 9.96
CA ARG A 64 -12.81 -15.16 11.02
C ARG A 64 -11.33 -15.15 11.37
N GLU A 65 -10.47 -15.30 10.36
CA GLU A 65 -9.03 -15.36 10.62
C GLU A 65 -8.43 -13.99 10.87
N TYR A 66 -9.11 -12.92 10.47
CA TYR A 66 -8.59 -11.58 10.70
C TYR A 66 -9.16 -11.05 12.01
N ARG A 67 -8.28 -10.65 12.93
CA ARG A 67 -8.73 -10.11 14.22
C ARG A 67 -9.08 -8.64 14.12
N ASP A 68 -8.63 -7.95 13.07
CA ASP A 68 -8.98 -6.55 12.86
C ASP A 68 -8.71 -6.21 11.39
N ALA A 69 -9.04 -4.98 11.03
CA ALA A 69 -8.87 -4.58 9.63
C ALA A 69 -7.39 -4.50 9.25
N GLN A 70 -6.51 -4.23 10.21
CA GLN A 70 -5.08 -4.16 9.89
C GLN A 70 -4.59 -5.49 9.34
N GLU A 71 -5.03 -6.60 9.94
CA GLU A 71 -4.58 -7.92 9.47
C GLU A 71 -5.12 -8.20 8.07
N PHE A 72 -6.37 -7.82 7.81
CA PHE A 72 -6.94 -7.94 6.47
C PHE A 72 -6.11 -7.13 5.46
N GLY A 73 -5.87 -5.86 5.76
CA GLY A 73 -5.08 -5.03 4.87
C GLY A 73 -3.69 -5.58 4.61
N ALA A 74 -3.09 -6.21 5.63
CA ALA A 74 -1.75 -6.77 5.45
C ALA A 74 -1.73 -7.88 4.41
N ASP A 75 -2.77 -8.73 4.39
CA ASP A 75 -2.85 -9.78 3.38
C ASP A 75 -3.10 -9.20 1.99
N VAL A 76 -3.96 -8.17 1.90
CA VAL A 76 -4.17 -7.55 0.60
C VAL A 76 -2.86 -6.97 0.07
N ARG A 77 -2.11 -6.26 0.94
CA ARG A 77 -0.87 -5.66 0.46
C ARG A 77 0.19 -6.71 0.17
N LEU A 78 0.19 -7.82 0.91
CA LEU A 78 1.06 -8.96 0.60
C LEU A 78 0.79 -9.49 -0.81
N MET A 79 -0.49 -9.67 -1.16
CA MET A 79 -0.87 -10.06 -2.51
C MET A 79 -0.25 -9.16 -3.56
N PHE A 80 -0.40 -7.82 -3.40
CA PHE A 80 0.19 -6.91 -4.38
C PHE A 80 1.71 -6.95 -4.34
N SER A 81 2.29 -6.95 -3.13
CA SER A 81 3.75 -6.94 -3.02
CA SER A 81 3.74 -6.96 -3.00
C SER A 81 4.37 -8.17 -3.67
N ASN A 82 3.72 -9.34 -3.56
CA ASN A 82 4.24 -10.55 -4.22
C ASN A 82 4.32 -10.34 -5.72
N CYS A 83 3.28 -9.74 -6.29
CA CYS A 83 3.29 -9.46 -7.73
C CYS A 83 4.41 -8.50 -8.11
N TYR A 84 4.59 -7.43 -7.33
CA TYR A 84 5.69 -6.49 -7.60
C TYR A 84 7.05 -7.15 -7.43
N LYS A 85 7.17 -8.03 -6.43
CA LYS A 85 8.47 -8.68 -6.18
C LYS A 85 8.84 -9.62 -7.32
N TYR A 86 7.90 -10.43 -7.79
CA TYR A 86 8.22 -11.47 -8.76
C TYR A 86 8.40 -10.93 -10.19
N ASN A 87 7.69 -9.83 -10.55
CA ASN A 87 7.58 -9.46 -11.96
C ASN A 87 8.39 -8.20 -12.31
N PRO A 88 8.80 -8.04 -13.56
CA PRO A 88 9.45 -6.80 -13.96
C PRO A 88 8.50 -5.63 -13.79
N PRO A 89 9.01 -4.46 -13.39
CA PRO A 89 8.12 -3.34 -13.03
C PRO A 89 7.26 -2.83 -14.18
N ASP A 90 7.65 -3.03 -15.43
N ASP A 90 7.68 -3.09 -15.41
CA ASP A 90 6.85 -2.52 -16.54
CA ASP A 90 7.09 -2.65 -16.65
C ASP A 90 5.97 -3.58 -17.19
C ASP A 90 5.96 -3.56 -17.14
N HIS A 91 5.83 -4.76 -16.56
CA HIS A 91 4.96 -5.78 -17.11
C HIS A 91 3.48 -5.47 -16.85
N GLU A 92 2.63 -6.02 -17.73
CA GLU A 92 1.20 -5.76 -17.67
C GLU A 92 0.59 -6.19 -16.33
N VAL A 93 1.03 -7.31 -15.77
CA VAL A 93 0.37 -7.79 -14.54
C VAL A 93 0.66 -6.83 -13.39
N VAL A 94 1.82 -6.16 -13.42
CA VAL A 94 2.13 -5.16 -12.40
C VAL A 94 1.25 -3.92 -12.57
N ALA A 95 1.00 -3.49 -13.81
CA ALA A 95 0.09 -2.38 -14.03
C ALA A 95 -1.32 -2.70 -13.54
N MET A 96 -1.75 -3.95 -13.76
CA MET A 96 -3.06 -4.39 -13.26
C MET A 96 -3.09 -4.39 -11.74
N ALA A 97 -2.02 -4.89 -11.10
CA ALA A 97 -1.96 -4.87 -9.64
C ALA A 97 -2.06 -3.44 -9.11
N ARG A 98 -1.37 -2.51 -9.76
CA ARG A 98 -1.40 -1.12 -9.30
C ARG A 98 -2.78 -0.49 -9.44
N LYS A 99 -3.50 -0.82 -10.53
CA LYS A 99 -4.87 -0.31 -10.67
C LYS A 99 -5.76 -0.88 -9.58
N LEU A 100 -5.65 -2.18 -9.30
CA LEU A 100 -6.48 -2.76 -8.24
C LEU A 100 -6.07 -2.21 -6.88
N GLN A 101 -4.77 -1.99 -6.68
CA GLN A 101 -4.35 -1.45 -5.39
C GLN A 101 -4.88 -0.04 -5.18
N ASP A 102 -5.02 0.75 -6.25
CA ASP A 102 -5.65 2.07 -6.15
C ASP A 102 -7.04 1.95 -5.53
N VAL A 103 -7.82 0.97 -6.02
CA VAL A 103 -9.16 0.72 -5.47
C VAL A 103 -9.08 0.35 -4.00
N PHE A 104 -8.24 -0.64 -3.69
CA PHE A 104 -8.13 -1.10 -2.30
C PHE A 104 -7.71 0.04 -1.37
N GLU A 105 -6.62 0.74 -1.71
CA GLU A 105 -6.08 1.74 -0.79
C GLU A 105 -7.09 2.83 -0.52
N MET A 106 -7.86 3.24 -1.53
CA MET A 106 -8.86 4.28 -1.35
C MET A 106 -9.97 3.83 -0.41
N ARG A 107 -10.53 2.65 -0.64
CA ARG A 107 -11.60 2.17 0.24
C ARG A 107 -11.08 1.90 1.65
N PHE A 108 -9.87 1.33 1.75
CA PHE A 108 -9.32 0.98 3.05
C PHE A 108 -9.07 2.22 3.90
N ALA A 109 -8.61 3.30 3.27
CA ALA A 109 -8.31 4.52 3.99
C ALA A 109 -9.59 5.18 4.51
N LYS A 110 -10.71 4.99 3.83
CA LYS A 110 -11.93 5.66 4.21
C LYS A 110 -12.79 4.82 5.14
N MET A 111 -12.24 3.72 5.65
CA MET A 111 -12.93 2.92 6.65
C MET A 111 -13.05 3.69 7.96
N PRO A 112 -14.17 3.55 8.67
CA PRO A 112 -14.32 4.03 10.06
C PRO A 112 -13.25 3.46 11.00
N VAL B 4 18.87 -6.99 9.32
CA VAL B 4 17.92 -5.92 9.65
C VAL B 4 18.61 -4.57 9.47
N SER B 5 19.89 -4.48 9.84
CA SER B 5 20.62 -3.25 9.63
C SER B 5 20.77 -2.95 8.15
N GLU B 6 21.04 -4.00 7.35
CA GLU B 6 21.12 -3.80 5.90
C GLU B 6 19.75 -3.45 5.33
N GLN B 7 18.69 -4.01 5.90
CA GLN B 7 17.34 -3.68 5.48
C GLN B 7 17.00 -2.22 5.77
N LEU B 8 17.42 -1.72 6.95
CA LEU B 8 17.20 -0.30 7.25
C LEU B 8 18.10 0.59 6.40
N LYS B 9 19.28 0.11 6.01
CA LYS B 9 20.05 0.82 4.99
C LYS B 9 19.28 0.89 3.69
N CYS B 10 18.70 -0.25 3.29
CA CYS B 10 17.89 -0.28 2.08
C CYS B 10 16.68 0.63 2.22
N CYS B 11 16.10 0.70 3.42
CA CYS B 11 15.00 1.64 3.67
C CYS B 11 15.44 3.08 3.44
N SER B 12 16.65 3.43 3.92
CA SER B 12 17.17 4.77 3.65
C SER B 12 17.34 4.99 2.16
N GLY B 13 17.81 3.98 1.43
CA GLY B 13 17.93 4.09 -0.01
C GLY B 13 16.59 4.31 -0.68
N ILE B 14 15.53 3.65 -0.17
CA ILE B 14 14.20 3.83 -0.73
C ILE B 14 13.70 5.25 -0.51
N LEU B 15 13.86 5.77 0.70
CA LEU B 15 13.41 7.13 0.98
C LEU B 15 14.23 8.14 0.17
N LYS B 16 15.53 7.89 0.01
CA LYS B 16 16.34 8.76 -0.85
C LYS B 16 15.81 8.78 -2.27
N GLU B 17 15.42 7.61 -2.80
CA GLU B 17 14.83 7.58 -4.14
C GLU B 17 13.54 8.38 -4.18
N MET B 18 12.72 8.28 -3.13
CA MET B 18 11.47 9.04 -3.11
C MET B 18 11.72 10.54 -3.09
N PHE B 19 12.85 10.97 -2.52
CA PHE B 19 13.24 12.38 -2.52
C PHE B 19 13.95 12.81 -3.80
N ALA B 20 14.21 11.89 -4.73
CA ALA B 20 15.03 12.21 -5.89
C ALA B 20 14.29 13.16 -6.83
N LYS B 21 15.06 13.94 -7.58
CA LYS B 21 14.43 14.93 -8.45
C LYS B 21 13.54 14.31 -9.52
N LYS B 22 13.84 13.07 -9.96
CA LYS B 22 12.98 12.50 -10.99
C LYS B 22 11.53 12.34 -10.54
N HIS B 23 11.28 12.25 -9.23
CA HIS B 23 9.94 12.10 -8.71
C HIS B 23 9.33 13.38 -8.15
N ALA B 24 10.06 14.50 -8.23
CA ALA B 24 9.68 15.67 -7.45
C ALA B 24 8.31 16.24 -7.84
N ALA B 25 7.90 16.12 -9.10
CA ALA B 25 6.65 16.74 -9.54
C ALA B 25 5.41 16.13 -8.88
N TYR B 26 5.51 14.89 -8.39
CA TYR B 26 4.41 14.31 -7.61
C TYR B 26 4.79 14.02 -6.17
N ALA B 27 6.07 14.05 -5.80
CA ALA B 27 6.45 13.80 -4.42
C ALA B 27 6.39 15.03 -3.52
N TRP B 28 6.45 16.24 -4.11
CA TRP B 28 6.61 17.44 -3.29
C TRP B 28 5.55 17.63 -2.20
N PRO B 29 4.27 17.26 -2.34
CA PRO B 29 3.35 17.46 -1.20
C PRO B 29 3.75 16.66 0.03
N PHE B 30 4.52 15.59 -0.14
CA PHE B 30 4.82 14.68 0.96
C PHE B 30 6.16 14.95 1.62
N TYR B 31 6.87 15.98 1.16
CA TYR B 31 8.20 16.27 1.69
C TYR B 31 8.16 16.65 3.17
N LYS B 32 7.19 17.43 3.59
CA LYS B 32 7.14 18.04 4.91
C LYS B 32 5.77 17.78 5.53
N PRO B 33 5.63 17.94 6.85
CA PRO B 33 4.31 17.76 7.46
C PRO B 33 3.29 18.69 6.82
N VAL B 34 2.05 18.21 6.71
CA VAL B 34 0.97 19.04 6.19
C VAL B 34 0.82 20.28 7.06
N ASP B 35 0.87 21.46 6.44
CA ASP B 35 0.74 22.72 7.18
C ASP B 35 -0.74 23.08 7.19
N VAL B 36 -1.42 22.70 8.28
CA VAL B 36 -2.86 22.87 8.34
C VAL B 36 -3.23 24.36 8.41
N GLU B 37 -2.39 25.21 9.01
CA GLU B 37 -2.62 26.66 8.98
C GLU B 37 -2.44 27.25 7.58
N ALA B 38 -1.34 26.94 6.89
CA ALA B 38 -1.13 27.55 5.57
C ALA B 38 -2.23 27.13 4.58
N LEU B 39 -2.66 25.88 4.62
CA LEU B 39 -3.63 25.38 3.65
C LEU B 39 -5.07 25.59 4.09
N GLY B 40 -5.31 26.12 5.29
CA GLY B 40 -6.67 26.31 5.74
C GLY B 40 -7.40 25.03 6.06
N LEU B 41 -6.69 23.98 6.47
CA LEU B 41 -7.30 22.67 6.73
C LEU B 41 -7.65 22.58 8.21
N HIS B 42 -8.75 23.26 8.55
CA HIS B 42 -9.22 23.38 9.93
CA HIS B 42 -9.16 23.36 9.95
C HIS B 42 -9.58 22.03 10.53
N ASP B 43 -9.97 21.06 9.70
CA ASP B 43 -10.46 19.77 10.14
C ASP B 43 -9.45 18.65 9.97
N TYR B 44 -8.24 18.96 9.51
CA TYR B 44 -7.26 17.91 9.21
C TYR B 44 -6.87 17.14 10.46
N CYS B 45 -6.54 17.86 11.54
CA CYS B 45 -6.09 17.19 12.75
C CYS B 45 -7.22 16.42 13.43
N ASP B 46 -8.48 16.73 13.11
CA ASP B 46 -9.60 15.94 13.62
C ASP B 46 -9.77 14.65 12.85
N ILE B 47 -9.49 14.67 11.54
CA ILE B 47 -9.70 13.49 10.70
C ILE B 47 -8.48 12.59 10.68
N ILE B 48 -7.29 13.16 10.76
CA ILE B 48 -6.03 12.44 10.62
C ILE B 48 -5.40 12.38 12.00
N LYS B 49 -5.52 11.21 12.66
CA LYS B 49 -5.03 11.07 14.03
C LYS B 49 -3.52 11.05 14.10
N HIS B 50 -2.85 10.53 13.08
CA HIS B 50 -1.40 10.33 13.09
C HIS B 50 -0.81 10.85 11.79
N PRO B 51 -0.55 12.15 11.70
CA PRO B 51 0.09 12.69 10.49
C PRO B 51 1.48 12.11 10.30
N MET B 52 1.89 12.04 9.03
CA MET B 52 3.19 11.49 8.68
C MET B 52 3.64 12.09 7.36
N ASP B 53 4.96 12.21 7.18
CA ASP B 53 5.54 12.84 6.01
C ASP B 53 6.96 12.32 5.85
N MET B 54 7.56 12.60 4.68
CA MET B 54 8.86 12.02 4.37
C MET B 54 9.99 12.59 5.22
N SER B 55 9.92 13.87 5.62
CA SER B 55 10.98 14.41 6.46
C SER B 55 10.93 13.81 7.85
N THR B 56 9.74 13.62 8.40
CA THR B 56 9.61 12.93 9.69
C THR B 56 10.17 11.51 9.60
N ILE B 57 9.84 10.79 8.51
CA ILE B 57 10.35 9.43 8.34
C ILE B 57 11.87 9.44 8.27
N LYS B 58 12.43 10.41 7.54
CA LYS B 58 13.89 10.52 7.45
C LYS B 58 14.51 10.73 8.83
N SER B 59 13.94 11.62 9.64
CA SER B 59 14.44 11.83 10.99
C SER B 59 14.36 10.56 11.83
N LYS B 60 13.26 9.81 11.70
CA LYS B 60 13.14 8.58 12.48
C LYS B 60 14.16 7.54 12.05
N LEU B 61 14.45 7.44 10.75
CA LEU B 61 15.53 6.57 10.31
C LEU B 61 16.87 7.00 10.89
N GLU B 62 17.14 8.30 10.87
CA GLU B 62 18.41 8.80 11.40
C GLU B 62 18.50 8.64 12.91
N ALA B 63 17.39 8.72 13.62
CA ALA B 63 17.37 8.48 15.06
C ALA B 63 17.21 7.02 15.40
N ARG B 64 17.30 6.14 14.39
CA ARG B 64 17.23 4.68 14.59
C ARG B 64 15.97 4.28 15.34
N GLU B 65 14.87 5.00 15.08
CA GLU B 65 13.59 4.71 15.72
C GLU B 65 12.82 3.57 15.07
N TYR B 66 13.20 3.14 13.86
CA TYR B 66 12.55 1.99 13.25
C TYR B 66 13.26 0.71 13.64
N ARG B 67 12.52 -0.22 14.20
CA ARG B 67 13.11 -1.44 14.70
C ARG B 67 13.34 -2.47 13.58
N ASP B 68 12.68 -2.30 12.45
CA ASP B 68 12.89 -3.13 11.25
C ASP B 68 12.25 -2.43 10.06
N ALA B 69 12.40 -3.04 8.87
CA ALA B 69 11.85 -2.48 7.64
C ALA B 69 10.32 -2.47 7.65
N GLN B 70 9.69 -3.38 8.39
CA GLN B 70 8.24 -3.38 8.50
C GLN B 70 7.73 -2.07 9.11
N GLU B 71 8.40 -1.59 10.15
CA GLU B 71 7.97 -0.34 10.79
C GLU B 71 8.18 0.85 9.89
N PHE B 72 9.30 0.88 9.15
CA PHE B 72 9.51 1.92 8.15
C PHE B 72 8.38 1.91 7.13
N GLY B 73 8.09 0.74 6.57
CA GLY B 73 7.02 0.62 5.58
C GLY B 73 5.68 1.07 6.13
N ALA B 74 5.41 0.79 7.41
CA ALA B 74 4.14 1.19 8.00
C ALA B 74 3.99 2.71 8.05
N ASP B 75 5.07 3.43 8.36
CA ASP B 75 4.99 4.89 8.36
C ASP B 75 4.80 5.44 6.94
N VAL B 76 5.48 4.84 5.96
CA VAL B 76 5.29 5.27 4.57
C VAL B 76 3.83 5.06 4.15
N ARG B 77 3.28 3.89 4.47
CA ARG B 77 1.90 3.63 4.08
C ARG B 77 0.91 4.48 4.86
N LEU B 78 1.22 4.77 6.13
CA LEU B 78 0.42 5.73 6.89
C LEU B 78 0.37 7.09 6.21
N MET B 79 1.54 7.59 5.77
CA MET B 79 1.59 8.85 5.02
C MET B 79 0.62 8.82 3.85
N PHE B 80 0.68 7.77 3.02
CA PHE B 80 -0.19 7.69 1.87
C PHE B 80 -1.65 7.50 2.28
N SER B 81 -1.90 6.64 3.28
N SER B 81 -1.90 6.64 3.27
CA SER B 81 -3.26 6.40 3.74
CA SER B 81 -3.28 6.40 3.73
C SER B 81 -3.92 7.67 4.27
C SER B 81 -3.92 7.67 4.27
N ASN B 82 -3.17 8.51 4.98
CA ASN B 82 -3.71 9.78 5.45
C ASN B 82 -4.21 10.62 4.28
N CYS B 83 -3.41 10.66 3.20
CA CYS B 83 -3.79 11.42 2.01
C CYS B 83 -5.07 10.87 1.38
N TYR B 84 -5.16 9.54 1.25
CA TYR B 84 -6.36 8.93 0.70
C TYR B 84 -7.56 9.15 1.62
N LYS B 85 -7.34 9.13 2.93
CA LYS B 85 -8.45 9.27 3.85
C LYS B 85 -9.03 10.68 3.78
N TYR B 86 -8.16 11.69 3.74
CA TYR B 86 -8.61 13.07 3.85
C TYR B 86 -9.23 13.59 2.55
N ASN B 87 -8.77 13.14 1.40
CA ASN B 87 -9.09 13.78 0.14
C ASN B 87 -10.07 12.97 -0.70
N PRO B 88 -10.82 13.62 -1.58
CA PRO B 88 -11.67 12.89 -2.51
C PRO B 88 -10.86 12.00 -3.42
N PRO B 89 -11.42 10.86 -3.85
CA PRO B 89 -10.62 9.91 -4.63
C PRO B 89 -10.11 10.46 -5.97
N ASP B 90 -10.74 11.47 -6.55
CA ASP B 90 -10.26 12.03 -7.82
C ASP B 90 -9.38 13.26 -7.61
N HIS B 91 -8.95 13.52 -6.39
CA HIS B 91 -8.15 14.71 -6.12
C HIS B 91 -6.76 14.57 -6.71
N GLU B 92 -6.20 15.71 -7.10
CA GLU B 92 -4.87 15.77 -7.68
C GLU B 92 -3.81 15.22 -6.72
N VAL B 93 -3.97 15.50 -5.42
CA VAL B 93 -2.94 15.04 -4.48
C VAL B 93 -3.03 13.53 -4.29
N VAL B 94 -4.22 12.97 -4.45
CA VAL B 94 -4.36 11.52 -4.39
C VAL B 94 -3.67 10.87 -5.59
N ALA B 95 -3.82 11.47 -6.77
CA ALA B 95 -3.09 10.95 -7.94
C ALA B 95 -1.58 11.00 -7.73
N MET B 96 -1.09 12.07 -7.10
CA MET B 96 0.34 12.16 -6.79
C MET B 96 0.75 11.10 -5.78
N ALA B 97 -0.06 10.91 -4.73
CA ALA B 97 0.24 9.89 -3.73
C ALA B 97 0.33 8.51 -4.37
N ARG B 98 -0.59 8.19 -5.30
CA ARG B 98 -0.57 6.88 -5.97
CA ARG B 98 -0.52 6.85 -5.87
C ARG B 98 0.70 6.70 -6.78
N LYS B 99 1.11 7.75 -7.50
CA LYS B 99 2.33 7.64 -8.29
C LYS B 99 3.56 7.39 -7.41
N LEU B 100 3.67 8.13 -6.31
CA LEU B 100 4.80 7.94 -5.41
C LEU B 100 4.70 6.60 -4.69
N GLN B 101 3.49 6.16 -4.32
CA GLN B 101 3.37 4.87 -3.66
C GLN B 101 3.79 3.73 -4.57
N ASP B 102 3.50 3.85 -5.87
CA ASP B 102 3.96 2.82 -6.80
C ASP B 102 5.49 2.72 -6.80
N VAL B 103 6.19 3.86 -6.73
CA VAL B 103 7.64 3.86 -6.58
C VAL B 103 8.05 3.11 -5.31
N PHE B 104 7.44 3.50 -4.18
CA PHE B 104 7.76 2.87 -2.90
C PHE B 104 7.47 1.37 -2.93
N GLU B 105 6.27 0.99 -3.35
CA GLU B 105 5.86 -0.42 -3.25
C GLU B 105 6.77 -1.30 -4.09
N MET B 106 7.21 -0.80 -5.25
CA MET B 106 8.11 -1.57 -6.10
C MET B 106 9.47 -1.79 -5.43
N ARG B 107 10.09 -0.72 -4.91
CA ARG B 107 11.37 -0.85 -4.25
C ARG B 107 11.26 -1.69 -2.99
N PHE B 108 10.18 -1.49 -2.22
CA PHE B 108 9.99 -2.21 -0.97
C PHE B 108 9.80 -3.71 -1.23
N ALA B 109 9.07 -4.05 -2.29
CA ALA B 109 8.84 -5.47 -2.61
C ALA B 109 10.12 -6.14 -3.08
N LYS B 110 10.99 -5.40 -3.76
CA LYS B 110 12.20 -5.98 -4.33
C LYS B 110 13.38 -5.87 -3.39
N MET B 111 13.14 -5.51 -2.13
CA MET B 111 14.20 -5.53 -1.14
C MET B 111 14.62 -6.97 -0.87
N PRO B 112 15.93 -7.23 -0.72
CA PRO B 112 16.45 -8.52 -0.27
C PRO B 112 15.88 -8.97 1.08
#